data_8U97
#
_entry.id   8U97
#
_cell.length_a   32.306
_cell.length_b   48.849
_cell.length_c   63.878
_cell.angle_alpha   90.00
_cell.angle_beta   96.61
_cell.angle_gamma   90.00
#
_symmetry.space_group_name_H-M   'P 1 21 1'
#
loop_
_entity.id
_entity.type
_entity.pdbx_description
1 polymer 'Dephospho-CoA kinase'
2 non-polymer 'PHOSPHOAMINOPHOSPHONIC ACID-ADENYLATE ESTER'
3 water water
#
_entity_poly.entity_id   1
_entity_poly.type   'polypeptide(L)'
_entity_poly.pdbx_seq_one_letter_code
;MAHHHHHHMTYTVALTGGIGSGKSTVADEFAHLGVTVIDADIIARQVVEPGTPALLAIAERFGPQMINDDGSLNRRRLRE
RIFAHSEDKAWLNALLHPLIQQETRRQMQASTSPYLLWVVPLLVENRLTDKADRILVVDVPKETQIERTIRRDGVSREHA
EHILAAQATREQRLAAADDVIENMGSADAVASHVARLHDKYLMLASQAASQEKP
;
_entity_poly.pdbx_strand_id   A
#
loop_
_chem_comp.id
_chem_comp.type
_chem_comp.name
_chem_comp.formula
ANP non-polymer 'PHOSPHOAMINOPHOSPHONIC ACID-ADENYLATE ESTER' 'C10 H17 N6 O12 P3'
#
# COMPACT_ATOMS: atom_id res chain seq x y z
N THR A 10 5.94 -8.17 -17.05
CA THR A 10 5.83 -9.18 -15.99
C THR A 10 4.39 -9.28 -15.50
N TYR A 11 3.92 -10.51 -15.30
CA TYR A 11 2.55 -10.72 -14.84
C TYR A 11 2.34 -10.01 -13.52
N THR A 12 1.28 -9.19 -13.45
CA THR A 12 1.06 -8.30 -12.33
C THR A 12 -0.32 -8.50 -11.75
N VAL A 13 -0.38 -8.68 -10.44
CA VAL A 13 -1.64 -8.76 -9.69
C VAL A 13 -1.74 -7.50 -8.84
N ALA A 14 -2.84 -6.76 -9.01
CA ALA A 14 -3.11 -5.57 -8.21
C ALA A 14 -3.90 -5.98 -6.97
N LEU A 15 -3.38 -5.61 -5.81
CA LEU A 15 -4.03 -5.88 -4.53
C LEU A 15 -4.66 -4.59 -4.04
N THR A 16 -5.98 -4.58 -3.91
CA THR A 16 -6.68 -3.39 -3.46
C THR A 16 -7.59 -3.74 -2.29
N GLY A 17 -8.17 -2.71 -1.70
CA GLY A 17 -8.99 -2.86 -0.52
C GLY A 17 -9.12 -1.53 0.19
N GLY A 18 -10.20 -1.36 0.94
CA GLY A 18 -10.44 -0.11 1.64
C GLY A 18 -9.57 0.04 2.87
N ILE A 19 -9.67 1.22 3.49
CA ILE A 19 -8.90 1.47 4.70
C ILE A 19 -9.31 0.47 5.77
N GLY A 20 -8.33 -0.04 6.51
CA GLY A 20 -8.60 -0.98 7.56
C GLY A 20 -8.86 -2.40 7.08
N SER A 21 -8.70 -2.68 5.80
CA SER A 21 -8.94 -4.03 5.29
C SER A 21 -7.81 -4.98 5.63
N GLY A 22 -6.62 -4.46 5.96
CA GLY A 22 -5.49 -5.32 6.22
C GLY A 22 -4.75 -5.77 4.99
N LYS A 23 -4.72 -4.94 3.94
CA LYS A 23 -4.03 -5.31 2.71
C LYS A 23 -2.60 -5.76 2.99
N SER A 24 -1.91 -5.08 3.90
CA SER A 24 -0.49 -5.35 4.09
C SER A 24 -0.24 -6.72 4.71
N THR A 25 -1.14 -7.20 5.57
CA THR A 25 -0.96 -8.54 6.12
C THR A 25 -1.17 -9.60 5.05
N VAL A 26 -2.10 -9.36 4.12
CA VAL A 26 -2.26 -10.26 2.98
C VAL A 26 -1.03 -10.19 2.07
N ALA A 27 -0.57 -8.98 1.78
CA ALA A 27 0.61 -8.83 0.93
C ALA A 27 1.80 -9.55 1.53
N ASP A 28 1.97 -9.47 2.85
CA ASP A 28 3.09 -10.14 3.51
C ASP A 28 3.05 -11.64 3.28
N GLU A 29 1.84 -12.22 3.25
CA GLU A 29 1.73 -13.66 2.99
C GLU A 29 2.24 -14.01 1.61
N PHE A 30 1.90 -13.19 0.60
CA PHE A 30 2.44 -13.41 -0.74
C PHE A 30 3.95 -13.24 -0.74
N ALA A 31 4.46 -12.24 -0.02
CA ALA A 31 5.91 -12.05 0.07
C ALA A 31 6.58 -13.29 0.65
N HIS A 32 5.96 -13.91 1.65
CA HIS A 32 6.53 -15.11 2.25
C HIS A 32 6.60 -16.27 1.27
N LEU A 33 5.80 -16.22 0.20
CA LEU A 33 5.83 -17.22 -0.86
C LEU A 33 6.74 -16.82 -2.01
N GLY A 34 7.61 -15.83 -1.81
CA GLY A 34 8.60 -15.45 -2.80
C GLY A 34 8.15 -14.42 -3.80
N VAL A 35 6.94 -13.89 -3.65
CA VAL A 35 6.42 -12.91 -4.61
C VAL A 35 7.02 -11.55 -4.32
N THR A 36 7.45 -10.87 -5.37
CA THR A 36 7.87 -9.48 -5.22
C THR A 36 6.65 -8.61 -4.99
N VAL A 37 6.65 -7.88 -3.88
CA VAL A 37 5.55 -7.00 -3.50
C VAL A 37 6.02 -5.56 -3.68
N ILE A 38 5.29 -4.79 -4.48
CA ILE A 38 5.55 -3.37 -4.70
C ILE A 38 4.47 -2.59 -3.95
N ASP A 39 4.90 -1.81 -2.96
CA ASP A 39 3.97 -1.03 -2.14
C ASP A 39 4.51 0.40 -2.03
N ALA A 40 3.85 1.34 -2.71
CA ALA A 40 4.34 2.71 -2.76
C ALA A 40 4.38 3.36 -1.37
N ASP A 41 3.46 2.98 -0.49
CA ASP A 41 3.49 3.54 0.86
C ASP A 41 4.74 3.09 1.61
N ILE A 42 5.11 1.81 1.47
CA ILE A 42 6.33 1.34 2.08
C ILE A 42 7.54 2.03 1.47
N ILE A 43 7.56 2.16 0.13
CA ILE A 43 8.69 2.79 -0.54
C ILE A 43 8.83 4.24 -0.09
N ALA A 44 7.72 4.93 0.11
CA ALA A 44 7.79 6.32 0.57
C ALA A 44 8.47 6.41 1.92
N ARG A 45 8.15 5.48 2.83
CA ARG A 45 8.82 5.48 4.12
C ARG A 45 10.29 5.10 3.99
N GLN A 46 10.60 4.20 3.06
CA GLN A 46 11.99 3.78 2.87
C GLN A 46 12.88 4.95 2.46
N VAL A 47 12.38 5.82 1.59
CA VAL A 47 13.20 6.92 1.08
C VAL A 47 13.50 7.98 2.12
N VAL A 48 12.81 7.99 3.26
CA VAL A 48 13.07 8.95 4.32
C VAL A 48 13.51 8.26 5.61
N GLU A 49 14.01 7.03 5.52
CA GLU A 49 14.46 6.31 6.70
C GLU A 49 15.62 7.02 7.38
N PRO A 50 15.95 6.66 8.62
CA PRO A 50 17.10 7.28 9.28
C PRO A 50 18.35 7.22 8.40
N GLY A 51 19.07 8.34 8.35
CA GLY A 51 20.31 8.41 7.60
C GLY A 51 20.17 8.70 6.12
N THR A 52 18.95 8.78 5.59
CA THR A 52 18.78 9.00 4.17
C THR A 52 19.07 10.45 3.78
N PRO A 53 19.57 10.69 2.56
CA PRO A 53 19.72 12.08 2.10
C PRO A 53 18.42 12.85 2.09
N ALA A 54 17.30 12.19 1.78
CA ALA A 54 16.02 12.89 1.79
C ALA A 54 15.64 13.36 3.18
N LEU A 55 15.86 12.51 4.19
CA LEU A 55 15.59 12.93 5.56
C LEU A 55 16.49 14.10 5.95
N LEU A 56 17.77 14.05 5.54
CA LEU A 56 18.65 15.17 5.83
C LEU A 56 18.14 16.46 5.18
N ALA A 57 17.68 16.36 3.94
CA ALA A 57 17.17 17.54 3.26
C ALA A 57 15.97 18.12 4.00
N ILE A 58 15.08 17.25 4.50
CA ILE A 58 13.93 17.71 5.27
C ILE A 58 14.40 18.42 6.54
N ALA A 59 15.38 17.83 7.23
CA ALA A 59 15.84 18.42 8.48
C ALA A 59 16.58 19.72 8.24
N GLU A 60 17.42 19.78 7.20
CA GLU A 60 18.17 20.99 6.95
C GLU A 60 17.26 22.14 6.54
N ARG A 61 16.14 21.83 5.90
CA ARG A 61 15.19 22.89 5.54
C ARG A 61 14.33 23.29 6.73
N PHE A 62 13.68 22.32 7.37
CA PHE A 62 12.66 22.61 8.37
C PHE A 62 13.15 22.53 9.80
N GLY A 63 14.29 21.87 10.05
CA GLY A 63 14.90 21.92 11.36
C GLY A 63 15.13 20.54 11.97
N PRO A 64 16.01 20.48 12.96
CA PRO A 64 16.31 19.18 13.59
C PRO A 64 15.14 18.57 14.31
N GLN A 65 14.08 19.34 14.59
CA GLN A 65 12.89 18.78 15.20
C GLN A 65 12.20 17.78 14.29
N MET A 66 12.57 17.73 13.01
CA MET A 66 12.04 16.74 12.08
C MET A 66 12.60 15.35 12.33
N ILE A 67 13.61 15.21 13.18
CA ILE A 67 14.27 13.93 13.45
C ILE A 67 14.07 13.59 14.91
N ASN A 68 13.53 12.40 15.17
CA ASN A 68 13.31 11.95 16.53
C ASN A 68 14.62 11.53 17.17
N ASP A 69 14.57 11.26 18.48
CA ASP A 69 15.77 10.85 19.20
C ASP A 69 16.38 9.59 18.58
N ASP A 70 15.58 8.78 17.91
CA ASP A 70 16.03 7.52 17.33
C ASP A 70 16.46 7.67 15.88
N GLY A 71 16.51 8.89 15.34
CA GLY A 71 16.97 9.14 14.00
C GLY A 71 15.90 9.06 12.93
N SER A 72 14.66 8.74 13.29
CA SER A 72 13.60 8.61 12.30
C SER A 72 12.89 9.93 12.08
N LEU A 73 12.13 10.00 10.99
CA LEU A 73 11.34 11.19 10.68
C LEU A 73 10.22 11.34 11.68
N ASN A 74 10.08 12.54 12.23
CA ASN A 74 8.92 12.88 13.06
C ASN A 74 7.80 13.28 12.11
N ARG A 75 6.98 12.29 11.76
CA ARG A 75 6.00 12.48 10.70
C ARG A 75 4.96 13.54 11.05
N ARG A 76 4.53 13.59 12.32
CA ARG A 76 3.55 14.59 12.71
C ARG A 76 4.10 16.00 12.55
N ARG A 77 5.37 16.21 12.91
CA ARG A 77 5.96 17.54 12.74
C ARG A 77 6.00 17.93 11.27
N LEU A 78 6.27 16.97 10.37
CA LEU A 78 6.26 17.28 8.95
C LEU A 78 4.85 17.57 8.47
N ARG A 79 3.86 16.78 8.92
CA ARG A 79 2.48 17.07 8.54
C ARG A 79 2.06 18.46 9.05
N GLU A 80 2.51 18.83 10.24
CA GLU A 80 2.21 20.17 10.75
C GLU A 80 2.80 21.25 9.85
N ARG A 81 4.02 21.05 9.37
CA ARG A 81 4.64 22.03 8.50
C ARG A 81 3.87 22.19 7.19
N ILE A 82 3.46 21.08 6.59
CA ILE A 82 2.71 21.14 5.34
C ILE A 82 1.34 21.76 5.57
N PHE A 83 0.75 21.48 6.73
CA PHE A 83 -0.56 22.04 7.07
C PHE A 83 -0.49 23.55 7.19
N ALA A 84 0.61 24.05 7.76
CA ALA A 84 0.75 25.49 7.93
C ALA A 84 1.28 26.18 6.67
N HIS A 85 2.00 25.45 5.83
CA HIS A 85 2.62 26.02 4.63
C HIS A 85 2.36 25.08 3.46
N SER A 86 1.22 25.25 2.79
CA SER A 86 0.88 24.37 1.68
C SER A 86 1.91 24.46 0.56
N GLU A 87 2.66 25.56 0.47
CA GLU A 87 3.70 25.64 -0.55
C GLU A 87 4.75 24.56 -0.36
N ASP A 88 4.97 24.13 0.89
CA ASP A 88 5.98 23.12 1.17
C ASP A 88 5.58 21.74 0.68
N LYS A 89 4.31 21.52 0.34
CA LYS A 89 3.92 20.26 -0.29
C LYS A 89 4.62 20.08 -1.63
N ALA A 90 4.70 21.14 -2.43
CA ALA A 90 5.38 21.06 -3.71
C ALA A 90 6.86 20.74 -3.54
N TRP A 91 7.51 21.36 -2.55
CA TRP A 91 8.91 21.05 -2.30
C TRP A 91 9.09 19.59 -1.89
N LEU A 92 8.20 19.09 -1.04
CA LEU A 92 8.31 17.71 -0.60
C LEU A 92 8.11 16.75 -1.76
N ASN A 93 7.12 17.03 -2.63
CA ASN A 93 6.91 16.16 -3.78
C ASN A 93 8.11 16.17 -4.71
N ALA A 94 8.70 17.36 -4.93
CA ALA A 94 9.86 17.45 -5.81
C ALA A 94 11.02 16.63 -5.27
N LEU A 95 11.20 16.64 -3.96
CA LEU A 95 12.28 15.86 -3.34
C LEU A 95 11.99 14.37 -3.41
N LEU A 96 10.78 13.96 -3.06
CA LEU A 96 10.50 12.54 -2.81
C LEU A 96 10.01 11.79 -4.05
N HIS A 97 9.18 12.42 -4.89
CA HIS A 97 8.61 11.68 -6.02
C HIS A 97 9.68 11.02 -6.88
N PRO A 98 10.75 11.71 -7.31
CA PRO A 98 11.79 11.02 -8.09
C PRO A 98 12.38 9.81 -7.35
N LEU A 99 12.58 9.92 -6.04
CA LEU A 99 13.15 8.81 -5.29
C LEU A 99 12.20 7.61 -5.25
N ILE A 100 10.90 7.86 -5.04
CA ILE A 100 9.92 6.78 -4.99
C ILE A 100 9.82 6.12 -6.35
N GLN A 101 9.80 6.91 -7.42
CA GLN A 101 9.77 6.36 -8.77
C GLN A 101 11.01 5.52 -9.03
N GLN A 102 12.18 6.02 -8.66
CA GLN A 102 13.43 5.30 -8.88
C GLN A 102 13.46 3.98 -8.10
N GLU A 103 13.04 4.00 -6.84
CA GLU A 103 13.06 2.78 -6.05
C GLU A 103 12.00 1.80 -6.53
N THR A 104 10.85 2.29 -6.98
CA THR A 104 9.84 1.41 -7.57
C THR A 104 10.43 0.67 -8.77
N ARG A 105 11.13 1.39 -9.63
CA ARG A 105 11.69 0.75 -10.82
C ARG A 105 12.85 -0.18 -10.46
N ARG A 106 13.65 0.17 -9.46
CA ARG A 106 14.72 -0.72 -9.02
C ARG A 106 14.15 -2.05 -8.52
N GLN A 107 13.09 -1.99 -7.70
CA GLN A 107 12.49 -3.21 -7.19
C GLN A 107 11.88 -4.04 -8.31
N MET A 108 11.25 -3.39 -9.29
CA MET A 108 10.72 -4.11 -10.44
C MET A 108 11.83 -4.83 -11.19
N GLN A 109 12.93 -4.11 -11.47
CA GLN A 109 14.00 -4.68 -12.26
CA GLN A 109 14.02 -4.65 -12.25
C GLN A 109 14.74 -5.77 -11.50
N ALA A 110 14.82 -5.68 -10.18
CA ALA A 110 15.51 -6.70 -9.39
C ALA A 110 14.67 -7.95 -9.17
N SER A 111 13.38 -7.90 -9.47
CA SER A 111 12.50 -9.04 -9.21
C SER A 111 12.88 -10.22 -10.10
N THR A 112 12.86 -11.41 -9.50
CA THR A 112 13.02 -12.66 -10.24
C THR A 112 11.83 -13.61 -10.04
N SER A 113 10.73 -13.13 -9.46
CA SER A 113 9.59 -13.99 -9.19
C SER A 113 8.70 -14.15 -10.43
N PRO A 114 7.92 -15.23 -10.49
CA PRO A 114 7.05 -15.43 -11.67
C PRO A 114 6.03 -14.34 -11.89
N TYR A 115 5.59 -13.65 -10.85
CA TYR A 115 4.67 -12.52 -11.01
C TYR A 115 4.94 -11.51 -9.90
N LEU A 116 4.38 -10.31 -10.10
CA LEU A 116 4.51 -9.20 -9.17
C LEU A 116 3.17 -8.93 -8.50
N LEU A 117 3.20 -8.61 -7.21
CA LEU A 117 2.01 -8.17 -6.49
C LEU A 117 2.16 -6.67 -6.21
N TRP A 118 1.20 -5.88 -6.69
N TRP A 118 1.21 -5.89 -6.72
CA TRP A 118 1.21 -4.44 -6.58
CA TRP A 118 1.22 -4.44 -6.56
C TRP A 118 0.11 -4.02 -5.61
C TRP A 118 0.12 -4.05 -5.60
N VAL A 119 0.50 -3.40 -4.49
CA VAL A 119 -0.46 -2.90 -3.52
C VAL A 119 -0.91 -1.52 -3.99
N VAL A 120 -2.15 -1.41 -4.43
N VAL A 120 -2.15 -1.41 -4.43
CA VAL A 120 -2.68 -0.20 -5.04
CA VAL A 120 -2.68 -0.20 -5.05
C VAL A 120 -3.83 0.32 -4.19
C VAL A 120 -3.84 0.31 -4.20
N PRO A 121 -3.59 1.31 -3.34
CA PRO A 121 -4.69 1.82 -2.49
C PRO A 121 -5.91 2.31 -3.26
N LEU A 122 -5.73 3.01 -4.38
CA LEU A 122 -6.84 3.68 -5.03
C LEU A 122 -7.03 3.19 -6.46
N LEU A 123 -7.00 1.86 -6.64
CA LEU A 123 -7.17 1.30 -7.98
C LEU A 123 -8.51 1.70 -8.57
N VAL A 124 -9.60 1.44 -7.85
CA VAL A 124 -10.93 1.74 -8.37
C VAL A 124 -11.17 3.25 -8.35
N GLU A 125 -10.75 3.93 -7.29
CA GLU A 125 -10.97 5.37 -7.19
C GLU A 125 -10.27 6.11 -8.34
N ASN A 126 -9.01 5.77 -8.59
CA ASN A 126 -8.26 6.38 -9.68
C ASN A 126 -8.46 5.64 -11.00
N ARG A 127 -9.32 4.62 -11.02
CA ARG A 127 -9.72 3.94 -12.25
C ARG A 127 -8.50 3.36 -12.97
N LEU A 128 -7.81 2.46 -12.26
CA LEU A 128 -6.67 1.74 -12.81
C LEU A 128 -6.96 0.25 -12.98
N THR A 129 -8.24 -0.13 -13.05
CA THR A 129 -8.59 -1.54 -13.10
C THR A 129 -8.48 -2.07 -14.53
N ASP A 130 -7.38 -1.75 -15.20
CA ASP A 130 -7.04 -2.32 -16.50
C ASP A 130 -5.56 -2.66 -16.65
N LYS A 131 -4.69 -2.06 -15.85
CA LYS A 131 -3.25 -2.12 -16.07
C LYS A 131 -2.62 -3.35 -15.45
N ALA A 132 -3.25 -3.94 -14.43
CA ALA A 132 -2.81 -5.21 -13.89
C ALA A 132 -3.49 -6.35 -14.64
N ASP A 133 -2.81 -7.50 -14.68
CA ASP A 133 -3.39 -8.67 -15.32
C ASP A 133 -4.56 -9.23 -14.52
N ARG A 134 -4.54 -9.05 -13.19
CA ARG A 134 -5.62 -9.50 -12.35
C ARG A 134 -5.75 -8.59 -11.15
N ILE A 135 -6.97 -8.52 -10.62
CA ILE A 135 -7.28 -7.66 -9.47
C ILE A 135 -7.73 -8.57 -8.33
N LEU A 136 -7.05 -8.43 -7.19
CA LEU A 136 -7.39 -9.14 -5.97
C LEU A 136 -7.83 -8.10 -4.93
N VAL A 137 -9.06 -8.23 -4.45
CA VAL A 137 -9.60 -7.34 -3.45
C VAL A 137 -9.52 -8.02 -2.09
N VAL A 138 -8.97 -7.32 -1.10
CA VAL A 138 -9.02 -7.74 0.28
C VAL A 138 -10.28 -7.13 0.88
N ASP A 139 -11.21 -7.97 1.31
CA ASP A 139 -12.53 -7.53 1.74
C ASP A 139 -12.74 -7.82 3.21
N VAL A 140 -13.37 -6.88 3.90
CA VAL A 140 -13.88 -7.07 5.26
C VAL A 140 -15.20 -6.33 5.37
N PRO A 141 -16.01 -6.68 6.37
CA PRO A 141 -17.24 -5.91 6.60
C PRO A 141 -16.93 -4.45 6.93
N LYS A 142 -17.88 -3.57 6.61
CA LYS A 142 -17.68 -2.15 6.85
C LYS A 142 -17.34 -1.88 8.31
N GLU A 143 -18.03 -2.54 9.24
CA GLU A 143 -17.74 -2.35 10.66
C GLU A 143 -16.32 -2.77 10.99
N THR A 144 -15.80 -3.78 10.30
CA THR A 144 -14.42 -4.18 10.54
C THR A 144 -13.44 -3.11 10.09
N GLN A 145 -13.70 -2.47 8.94
CA GLN A 145 -12.87 -1.34 8.51
C GLN A 145 -12.85 -0.26 9.59
N ILE A 146 -14.03 0.10 10.09
CA ILE A 146 -14.12 1.18 11.07
C ILE A 146 -13.36 0.81 12.34
N GLU A 147 -13.56 -0.42 12.82
CA GLU A 147 -12.89 -0.85 14.04
C GLU A 147 -11.37 -0.83 13.88
N ARG A 148 -10.85 -1.37 12.77
CA ARG A 148 -9.41 -1.46 12.62
C ARG A 148 -8.77 -0.09 12.38
N THR A 149 -9.47 0.81 11.67
CA THR A 149 -8.92 2.14 11.43
C THR A 149 -8.84 2.94 12.72
N ILE A 150 -9.87 2.84 13.57
CA ILE A 150 -9.85 3.52 14.86
C ILE A 150 -8.65 3.07 15.68
N ARG A 151 -8.36 1.76 15.68
CA ARG A 151 -7.29 1.24 16.51
C ARG A 151 -5.92 1.66 15.98
N ARG A 152 -5.70 1.49 14.67
CA ARG A 152 -4.38 1.75 14.12
C ARG A 152 -4.09 3.25 14.02
N ASP A 153 -5.08 4.04 13.59
CA ASP A 153 -4.85 5.44 13.27
C ASP A 153 -5.32 6.40 14.36
N GLY A 154 -5.98 5.91 15.40
CA GLY A 154 -6.40 6.80 16.48
C GLY A 154 -7.37 7.87 16.06
N VAL A 155 -8.36 7.52 15.25
CA VAL A 155 -9.38 8.45 14.80
C VAL A 155 -10.71 8.05 15.41
N SER A 156 -11.67 8.97 15.37
CA SER A 156 -13.02 8.67 15.83
C SER A 156 -13.75 7.80 14.82
N ARG A 157 -14.83 7.17 15.26
CA ARG A 157 -15.67 6.42 14.33
C ARG A 157 -16.18 7.33 13.22
N GLU A 158 -16.65 8.53 13.58
CA GLU A 158 -17.15 9.46 12.60
C GLU A 158 -16.07 9.79 11.56
N HIS A 159 -14.84 10.00 12.01
CA HIS A 159 -13.75 10.24 11.06
C HIS A 159 -13.58 9.04 10.14
N ALA A 160 -13.57 7.83 10.70
CA ALA A 160 -13.44 6.65 9.87
C ALA A 160 -14.57 6.57 8.84
N GLU A 161 -15.80 6.88 9.26
CA GLU A 161 -16.91 6.86 8.34
C GLU A 161 -16.72 7.87 7.20
N HIS A 162 -16.19 9.05 7.53
N HIS A 162 -16.18 9.05 7.51
CA HIS A 162 -15.91 10.04 6.50
CA HIS A 162 -15.93 10.03 6.46
C HIS A 162 -14.90 9.51 5.48
C HIS A 162 -14.90 9.52 5.47
N ILE A 163 -13.85 8.83 5.96
CA ILE A 163 -12.86 8.28 5.05
C ILE A 163 -13.49 7.25 4.13
N LEU A 164 -14.32 6.36 4.69
CA LEU A 164 -15.02 5.39 3.87
C LEU A 164 -15.88 6.07 2.82
N ALA A 165 -16.53 7.18 3.18
CA ALA A 165 -17.34 7.91 2.23
C ALA A 165 -16.51 8.47 1.08
N ALA A 166 -15.24 8.78 1.34
CA ALA A 166 -14.34 9.33 0.32
C ALA A 166 -13.66 8.26 -0.52
N GLN A 167 -13.88 6.99 -0.22
CA GLN A 167 -13.29 5.88 -0.96
C GLN A 167 -14.36 5.15 -1.76
N ALA A 168 -13.90 4.31 -2.67
CA ALA A 168 -14.82 3.48 -3.44
C ALA A 168 -15.68 2.65 -2.49
N THR A 169 -16.92 2.40 -2.88
CA THR A 169 -17.79 1.58 -2.07
C THR A 169 -17.27 0.14 -2.05
N ARG A 170 -17.60 -0.56 -0.97
CA ARG A 170 -17.27 -1.98 -0.89
C ARG A 170 -17.83 -2.73 -2.10
N GLU A 171 -19.04 -2.39 -2.52
CA GLU A 171 -19.67 -3.08 -3.64
C GLU A 171 -18.92 -2.81 -4.94
N GLN A 172 -18.45 -1.58 -5.13
CA GLN A 172 -17.66 -1.26 -6.33
C GLN A 172 -16.37 -2.05 -6.36
N ARG A 173 -15.66 -2.13 -5.23
CA ARG A 173 -14.41 -2.89 -5.19
C ARG A 173 -14.66 -4.36 -5.49
N LEU A 174 -15.69 -4.94 -4.87
CA LEU A 174 -16.00 -6.35 -5.13
C LEU A 174 -16.38 -6.56 -6.59
N ALA A 175 -17.12 -5.62 -7.16
CA ALA A 175 -17.52 -5.73 -8.56
C ALA A 175 -16.31 -5.74 -9.49
N ALA A 176 -15.30 -4.93 -9.18
CA ALA A 176 -14.11 -4.84 -10.02
C ALA A 176 -13.17 -6.02 -9.84
N ALA A 177 -13.31 -6.79 -8.76
CA ALA A 177 -12.33 -7.80 -8.43
C ALA A 177 -12.43 -9.02 -9.33
N ASP A 178 -11.28 -9.59 -9.67
CA ASP A 178 -11.25 -10.92 -10.27
C ASP A 178 -11.33 -11.99 -9.19
N ASP A 179 -10.68 -11.75 -8.06
CA ASP A 179 -10.70 -12.64 -6.91
C ASP A 179 -10.86 -11.82 -5.65
N VAL A 180 -11.48 -12.43 -4.64
CA VAL A 180 -11.75 -11.78 -3.36
C VAL A 180 -11.14 -12.64 -2.27
N ILE A 181 -10.38 -12.02 -1.38
CA ILE A 181 -9.89 -12.68 -0.17
C ILE A 181 -10.45 -11.92 1.01
N GLU A 182 -11.25 -12.60 1.83
CA GLU A 182 -11.78 -12.00 3.04
C GLU A 182 -10.75 -12.13 4.14
N ASN A 183 -10.29 -11.00 4.65
CA ASN A 183 -9.27 -10.96 5.71
C ASN A 183 -9.98 -11.05 7.06
N MET A 184 -10.59 -12.20 7.29
CA MET A 184 -11.42 -12.45 8.46
C MET A 184 -11.21 -13.88 8.92
N GLY A 185 -11.54 -14.14 10.17
CA GLY A 185 -11.39 -15.48 10.72
C GLY A 185 -9.96 -15.81 11.08
N SER A 186 -9.65 -17.10 11.04
CA SER A 186 -8.33 -17.58 11.42
C SER A 186 -7.26 -17.08 10.45
N ALA A 187 -6.14 -16.62 11.01
CA ALA A 187 -5.03 -16.18 10.17
C ALA A 187 -4.47 -17.32 9.34
N ASP A 188 -4.43 -18.53 9.91
CA ASP A 188 -3.94 -19.69 9.16
C ASP A 188 -4.80 -19.94 7.91
N ALA A 189 -6.11 -19.80 8.04
CA ALA A 189 -6.99 -20.01 6.89
C ALA A 189 -6.80 -18.93 5.84
N VAL A 190 -6.59 -17.68 6.27
CA VAL A 190 -6.28 -16.61 5.32
C VAL A 190 -4.98 -16.92 4.59
N ALA A 191 -3.96 -17.38 5.34
CA ALA A 191 -2.71 -17.76 4.71
C ALA A 191 -2.91 -18.91 3.72
N SER A 192 -3.76 -19.88 4.09
CA SER A 192 -4.06 -20.97 3.16
CA SER A 192 -4.07 -20.97 3.16
C SER A 192 -4.78 -20.44 1.92
N HIS A 193 -5.66 -19.46 2.11
CA HIS A 193 -6.33 -18.84 0.96
C HIS A 193 -5.30 -18.18 0.06
N VAL A 194 -4.33 -17.49 0.65
CA VAL A 194 -3.27 -16.85 -0.15
C VAL A 194 -2.51 -17.90 -0.95
N ALA A 195 -2.17 -19.02 -0.31
CA ALA A 195 -1.40 -20.06 -1.02
C ALA A 195 -2.20 -20.61 -2.20
N ARG A 196 -3.51 -20.74 -2.04
CA ARG A 196 -4.36 -21.19 -3.14
C ARG A 196 -4.36 -20.19 -4.29
N LEU A 197 -4.48 -18.90 -3.97
CA LEU A 197 -4.43 -17.88 -5.00
C LEU A 197 -3.04 -17.80 -5.63
N HIS A 198 -1.99 -17.99 -4.83
CA HIS A 198 -0.63 -18.00 -5.36
C HIS A 198 -0.48 -19.03 -6.48
N ASP A 199 -1.00 -20.23 -6.26
CA ASP A 199 -0.97 -21.26 -7.30
C ASP A 199 -1.73 -20.81 -8.54
N LYS A 200 -2.91 -20.20 -8.35
CA LYS A 200 -3.68 -19.70 -9.48
C LYS A 200 -2.86 -18.70 -10.28
N TYR A 201 -2.21 -17.75 -9.59
CA TYR A 201 -1.42 -16.74 -10.29
C TYR A 201 -0.19 -17.34 -10.96
N LEU A 202 0.43 -18.33 -10.31
CA LEU A 202 1.56 -19.00 -10.95
C LEU A 202 1.14 -19.62 -12.28
N MET A 203 0.00 -20.30 -12.29
CA MET A 203 -0.45 -20.94 -13.52
C MET A 203 -0.86 -19.90 -14.56
N LEU A 204 -1.45 -18.79 -14.12
CA LEU A 204 -1.79 -17.72 -15.07
C LEU A 204 -0.53 -17.09 -15.64
N ALA A 205 0.51 -16.91 -14.82
CA ALA A 205 1.76 -16.36 -15.32
C ALA A 205 2.38 -17.29 -16.35
N SER A 206 2.33 -18.61 -16.11
CA SER A 206 2.82 -19.55 -17.11
C SER A 206 1.99 -19.47 -18.39
N GLN A 207 0.68 -19.37 -18.26
CA GLN A 207 -0.18 -19.25 -19.43
C GLN A 207 0.17 -18.00 -20.24
N ALA A 208 0.36 -16.87 -19.55
CA ALA A 208 0.67 -15.63 -20.25
C ALA A 208 2.03 -15.71 -20.94
N ALA A 209 2.99 -16.41 -20.34
CA ALA A 209 4.32 -16.50 -20.93
C ALA A 209 4.34 -17.40 -22.16
N SER A 210 3.43 -18.37 -22.24
CA SER A 210 3.41 -19.31 -23.36
C SER A 210 2.85 -18.65 -24.62
PG ANP B . -4.82 1.32 4.85
O1G ANP B . -4.11 2.58 5.24
O2G ANP B . -5.71 0.89 5.98
O3G ANP B . -5.63 1.61 3.62
PB ANP B . -3.98 -1.47 4.65
O1B ANP B . -5.35 -1.88 4.22
O2B ANP B . -2.79 -2.19 4.09
N3B ANP B . -3.73 0.15 4.56
PA ANP B . -3.01 -2.72 7.09
O1A ANP B . -2.54 -3.87 6.30
O2A ANP B . -1.99 -1.83 7.73
O3A ANP B . -3.97 -1.81 6.21
O5' ANP B . -4.02 -3.23 8.20
C5' ANP B . -4.89 -2.29 8.87
C4' ANP B . -4.89 -2.60 10.35
O4' ANP B . -5.65 -3.82 10.56
C3' ANP B . -3.52 -2.85 10.99
O3' ANP B . -3.48 -2.28 12.30
C2' ANP B . -3.42 -4.38 11.06
O2' ANP B . -2.62 -4.83 12.12
C1' ANP B . -4.88 -4.76 11.27
N9 ANP B . -5.19 -6.07 10.75
C8 ANP B . -4.78 -6.63 9.57
N7 ANP B . -5.25 -7.84 9.40
C5 ANP B . -6.02 -8.08 10.52
C6 ANP B . -6.79 -9.19 10.93
N6 ANP B . -6.91 -10.31 10.23
N1 ANP B . -7.44 -9.09 12.11
C2 ANP B . -7.32 -7.96 12.82
N3 ANP B . -6.63 -6.87 12.53
C4 ANP B . -6.00 -7.00 11.37
#